data_8VDA
#
_entry.id   8VDA
#
_cell.length_a   60.610
_cell.length_b   60.610
_cell.length_c   153.400
_cell.angle_alpha   90.00
_cell.angle_beta   90.00
_cell.angle_gamma   90.00
#
_symmetry.space_group_name_H-M   'P 41 21 2'
#
loop_
_entity.id
_entity.type
_entity.pdbx_description
1 polymer 'Beta-ketoacyl-[acyl-carrier-protein] synthase III 1'
2 non-polymer 'COENZYME A'
3 water water
#
_entity_poly.entity_id   1
_entity_poly.type   'polypeptide(L)'
_entity_poly.pdbx_seq_one_letter_code
;GSHMLEKAGILGVGRYIPEKVLTNHDLEKMVETSDEWIRTRTGIEERRIAADDVFSSHMAVAAAKNALEQAEVAAEDLDM
ILVATVTPDQSFPTVSCMIQEQLGAKKACAMDISAACAGFMYGVVTGKQFIESGTYKHVLVVGVEKLSSITDWEDRNTAV
LFGDGAGAAVVGPVSDDRGILSFELGADGTGGQHLYLNEKRHTIMNGREVFKFAVRQMGESCVNVIEKAGLSKEDVDFLI
PHQANIRIMEAARERLELPVEKMSKTVHKYGNTSAASIPISLVEELEAGKIKDGDVVVMVGFGGGLTWGAIAIRWGR
;
_entity_poly.pdbx_strand_id   A
#
loop_
_chem_comp.id
_chem_comp.type
_chem_comp.name
_chem_comp.formula
COA non-polymer 'COENZYME A' 'C21 H36 N7 O16 P3 S'
#
# COMPACT_ATOMS: atom_id res chain seq x y z
N LYS A 7 21.58 8.36 1.03
CA LYS A 7 20.28 7.97 1.56
C LYS A 7 19.27 7.73 0.44
N ALA A 8 18.50 6.65 0.54
CA ALA A 8 17.45 6.36 -0.42
C ALA A 8 16.18 7.11 -0.05
N GLY A 9 15.52 7.68 -1.06
CA GLY A 9 14.26 8.36 -0.86
C GLY A 9 13.33 8.08 -2.01
N ILE A 10 12.20 8.76 -2.06
CA ILE A 10 11.18 8.54 -3.08
C ILE A 10 11.31 9.66 -4.09
N LEU A 11 11.55 9.29 -5.35
CA LEU A 11 11.77 10.26 -6.42
C LEU A 11 10.48 10.68 -7.12
N GLY A 12 9.50 9.77 -7.17
CA GLY A 12 8.19 10.06 -7.72
C GLY A 12 7.24 8.92 -7.43
N VAL A 13 5.95 9.21 -7.55
CA VAL A 13 4.87 8.30 -7.18
C VAL A 13 3.77 8.40 -8.24
N GLY A 14 3.06 7.29 -8.44
CA GLY A 14 1.96 7.23 -9.38
C GLY A 14 1.01 6.14 -8.97
N ARG A 15 -0.19 6.14 -9.56
CA ARG A 15 -1.19 5.14 -9.24
C ARG A 15 -2.05 4.84 -10.46
N TYR A 16 -2.80 3.75 -10.37
CA TYR A 16 -3.88 3.45 -11.32
C TYR A 16 -5.13 3.13 -10.50
N ILE A 17 -6.20 3.88 -10.73
CA ILE A 17 -7.48 3.71 -10.05
C ILE A 17 -8.46 3.16 -11.08
N PRO A 18 -9.03 1.98 -10.89
CA PRO A 18 -10.00 1.47 -11.87
C PRO A 18 -11.21 2.38 -11.96
N GLU A 19 -11.82 2.43 -13.15
CA GLU A 19 -12.92 3.36 -13.39
C GLU A 19 -14.20 2.92 -12.69
N LYS A 20 -14.51 1.62 -12.73
CA LYS A 20 -15.78 1.17 -12.21
C LYS A 20 -15.85 1.43 -10.71
N VAL A 21 -16.94 2.05 -10.27
CA VAL A 21 -17.21 2.32 -8.87
C VAL A 21 -18.26 1.33 -8.36
N LEU A 22 -17.99 0.73 -7.22
CA LEU A 22 -18.95 -0.12 -6.52
C LEU A 22 -19.37 0.60 -5.25
N THR A 23 -20.60 1.10 -5.25
CA THR A 23 -21.11 1.83 -4.10
C THR A 23 -21.67 0.85 -3.07
N ASN A 24 -21.91 1.36 -1.86
CA ASN A 24 -22.52 0.52 -0.82
C ASN A 24 -23.97 0.13 -1.15
N HIS A 25 -24.66 0.93 -1.95
CA HIS A 25 -25.98 0.55 -2.39
C HIS A 25 -25.94 -0.48 -3.50
N ASP A 26 -24.92 -0.42 -4.38
CA ASP A 26 -24.64 -1.55 -5.25
C ASP A 26 -24.52 -2.84 -4.44
N LEU A 27 -23.76 -2.78 -3.35
CA LEU A 27 -23.53 -3.98 -2.53
C LEU A 27 -24.75 -4.39 -1.74
N GLU A 28 -25.70 -3.47 -1.53
CA GLU A 28 -26.92 -3.83 -0.82
C GLU A 28 -27.76 -4.81 -1.61
N LYS A 29 -27.66 -4.80 -2.94
CA LYS A 29 -28.36 -5.80 -3.74
C LYS A 29 -27.62 -7.13 -3.81
N MET A 30 -26.30 -7.13 -3.60
CA MET A 30 -25.50 -8.33 -3.79
C MET A 30 -25.51 -9.23 -2.56
N VAL A 31 -25.51 -8.65 -1.37
CA VAL A 31 -25.50 -9.40 -0.13
C VAL A 31 -26.42 -8.71 0.86
N GLU A 32 -26.58 -9.32 2.04
CA GLU A 32 -27.44 -8.80 3.08
C GLU A 32 -26.61 -7.86 3.94
N THR A 33 -26.51 -6.60 3.50
CA THR A 33 -25.78 -5.59 4.24
C THR A 33 -26.54 -4.29 4.15
N SER A 34 -26.01 -3.25 4.81
CA SER A 34 -26.60 -1.92 4.78
C SER A 34 -25.49 -0.87 4.64
N ASP A 35 -25.74 0.12 3.78
CA ASP A 35 -24.87 1.28 3.73
C ASP A 35 -24.52 1.77 5.14
N GLU A 36 -25.49 1.74 6.05
CA GLU A 36 -25.24 2.23 7.40
C GLU A 36 -24.22 1.38 8.13
N TRP A 37 -24.36 0.05 8.04
CA TRP A 37 -23.42 -0.82 8.75
C TRP A 37 -22.01 -0.68 8.18
N ILE A 38 -21.90 -0.66 6.86
CA ILE A 38 -20.58 -0.60 6.22
C ILE A 38 -19.87 0.68 6.66
N ARG A 39 -20.58 1.82 6.61
CA ARG A 39 -19.95 3.09 6.94
C ARG A 39 -19.55 3.15 8.41
N THR A 40 -20.44 2.70 9.29
CA THR A 40 -20.17 2.84 10.73
C THR A 40 -19.05 1.92 11.20
N ARG A 41 -18.92 0.75 10.60
CA ARG A 41 -17.96 -0.24 11.09
C ARG A 41 -16.64 -0.20 10.36
N THR A 42 -16.59 0.32 9.12
CA THR A 42 -15.34 0.41 8.38
C THR A 42 -14.99 1.81 7.91
N GLY A 43 -15.97 2.66 7.62
CA GLY A 43 -15.73 3.93 6.97
C GLY A 43 -15.81 3.89 5.47
N ILE A 44 -16.02 2.72 4.88
CA ILE A 44 -16.03 2.61 3.42
C ILE A 44 -17.35 3.10 2.85
N GLU A 45 -17.30 3.84 1.75
CA GLU A 45 -18.51 4.27 1.01
C GLU A 45 -18.46 3.72 -0.41
N GLU A 46 -17.30 3.76 -1.05
CA GLU A 46 -17.11 3.24 -2.41
C GLU A 46 -15.76 2.52 -2.48
N ARG A 47 -15.59 1.70 -3.50
CA ARG A 47 -14.30 1.11 -3.80
C ARG A 47 -14.30 0.73 -5.26
N ARG A 48 -13.15 0.84 -5.92
CA ARG A 48 -13.06 0.61 -7.35
C ARG A 48 -12.83 -0.86 -7.68
N ILE A 49 -13.29 -1.27 -8.86
CA ILE A 49 -13.22 -2.66 -9.30
C ILE A 49 -12.65 -2.69 -10.69
N ALA A 50 -11.60 -3.48 -10.89
CA ALA A 50 -10.99 -3.60 -12.20
C ALA A 50 -11.91 -4.36 -13.16
N ALA A 51 -11.78 -4.07 -14.44
CA ALA A 51 -12.52 -4.79 -15.46
C ALA A 51 -12.04 -6.24 -15.58
N ASP A 52 -12.90 -7.08 -16.16
CA ASP A 52 -12.57 -8.49 -16.26
C ASP A 52 -11.37 -8.73 -17.16
N ASP A 53 -11.04 -7.77 -18.02
CA ASP A 53 -9.83 -7.85 -18.83
C ASP A 53 -8.69 -7.00 -18.30
N VAL A 54 -8.81 -6.48 -17.08
CA VAL A 54 -7.75 -5.71 -16.43
C VAL A 54 -7.23 -6.53 -15.25
N PHE A 55 -5.94 -6.82 -15.29
CA PHE A 55 -5.26 -7.62 -14.28
C PHE A 55 -4.18 -6.79 -13.60
N SER A 56 -3.55 -7.39 -12.59
CA SER A 56 -2.56 -6.64 -11.82
C SER A 56 -1.49 -6.06 -12.72
N SER A 57 -1.16 -6.78 -13.80
CA SER A 57 -0.10 -6.30 -14.68
C SER A 57 -0.51 -4.99 -15.34
N HIS A 58 -1.76 -4.92 -15.81
CA HIS A 58 -2.24 -3.70 -16.44
C HIS A 58 -2.20 -2.54 -15.46
N MET A 59 -2.71 -2.75 -14.24
CA MET A 59 -2.74 -1.67 -13.24
C MET A 59 -1.33 -1.27 -12.83
N ALA A 60 -0.45 -2.24 -12.69
CA ALA A 60 0.91 -1.96 -12.27
C ALA A 60 1.67 -1.17 -13.32
N VAL A 61 1.51 -1.50 -14.60
CA VAL A 61 2.27 -0.76 -15.60
C VAL A 61 1.76 0.67 -15.67
N ALA A 62 0.45 0.89 -15.56
CA ALA A 62 -0.08 2.26 -15.55
C ALA A 62 0.46 3.06 -14.37
N ALA A 63 0.38 2.51 -13.17
CA ALA A 63 0.95 3.20 -12.01
C ALA A 63 2.45 3.46 -12.21
N ALA A 64 3.16 2.48 -12.77
CA ALA A 64 4.60 2.61 -12.90
C ALA A 64 4.96 3.73 -13.87
N LYS A 65 4.26 3.81 -15.01
CA LYS A 65 4.51 4.88 -15.97
C LYS A 65 4.32 6.26 -15.32
N ASN A 66 3.25 6.41 -14.56
CA ASN A 66 2.99 7.69 -13.90
C ASN A 66 4.11 8.02 -12.91
N ALA A 67 4.58 7.03 -12.18
CA ALA A 67 5.67 7.25 -11.23
C ALA A 67 6.98 7.55 -11.93
N LEU A 68 7.31 6.83 -12.99
CA LEU A 68 8.52 7.16 -13.74
C LEU A 68 8.46 8.59 -14.30
N GLU A 69 7.31 8.97 -14.86
CA GLU A 69 7.15 10.30 -15.41
C GLU A 69 7.34 11.37 -14.34
N GLN A 70 6.71 11.17 -13.18
CA GLN A 70 6.84 12.12 -12.08
C GLN A 70 8.26 12.16 -11.54
N ALA A 71 8.92 11.00 -11.47
CA ALA A 71 10.29 10.96 -11.01
C ALA A 71 11.28 11.51 -12.04
N GLU A 72 10.86 11.71 -13.29
CA GLU A 72 11.80 12.02 -14.39
C GLU A 72 12.85 10.92 -14.52
N VAL A 73 12.39 9.67 -14.56
CA VAL A 73 13.26 8.52 -14.63
C VAL A 73 12.80 7.65 -15.81
N ALA A 74 13.72 7.38 -16.74
CA ALA A 74 13.39 6.54 -17.87
C ALA A 74 13.45 5.07 -17.45
N ALA A 75 12.49 4.29 -17.95
CA ALA A 75 12.45 2.87 -17.61
C ALA A 75 13.79 2.21 -17.88
N GLU A 76 14.48 2.67 -18.93
CA GLU A 76 15.77 2.12 -19.30
C GLU A 76 16.78 2.17 -18.16
N ASP A 77 16.62 3.11 -17.23
CA ASP A 77 17.60 3.30 -16.18
C ASP A 77 17.25 2.55 -14.90
N LEU A 78 16.14 1.84 -14.87
CA LEU A 78 15.76 1.06 -13.69
C LEU A 78 16.72 -0.10 -13.48
N ASP A 79 17.22 -0.24 -12.27
CA ASP A 79 18.06 -1.39 -11.93
C ASP A 79 17.24 -2.54 -11.38
N MET A 80 16.05 -2.31 -10.87
CA MET A 80 15.32 -3.38 -10.20
C MET A 80 13.85 -2.98 -10.17
N ILE A 81 12.99 -3.97 -10.34
CA ILE A 81 11.57 -3.78 -10.24
C ILE A 81 11.07 -4.77 -9.21
N LEU A 82 10.49 -4.25 -8.13
CA LEU A 82 9.79 -5.07 -7.15
C LEU A 82 8.30 -4.81 -7.22
N VAL A 83 7.49 -5.88 -7.22
CA VAL A 83 6.03 -5.75 -7.21
C VAL A 83 5.50 -6.55 -6.03
N ALA A 84 4.82 -5.86 -5.12
CA ALA A 84 4.15 -6.45 -3.99
C ALA A 84 2.73 -6.75 -4.41
N THR A 85 2.41 -8.04 -4.50
CA THR A 85 1.05 -8.47 -4.84
C THR A 85 0.86 -9.91 -4.40
N VAL A 86 -0.41 -10.27 -4.17
CA VAL A 86 -0.81 -11.66 -4.04
C VAL A 86 -1.77 -12.08 -5.16
N THR A 87 -1.98 -11.22 -6.15
CA THR A 87 -2.91 -11.51 -7.24
C THR A 87 -2.22 -11.25 -8.58
N PRO A 88 -1.08 -11.89 -8.82
CA PRO A 88 -0.46 -11.76 -10.17
C PRO A 88 -1.38 -12.36 -11.22
N ASP A 89 -1.23 -11.89 -12.46
CA ASP A 89 -1.98 -12.46 -13.58
C ASP A 89 -1.90 -13.98 -13.53
N GLN A 90 -0.68 -14.49 -13.35
CA GLN A 90 -0.36 -15.89 -13.09
C GLN A 90 0.88 -15.92 -12.18
N SER A 91 1.12 -17.08 -11.57
CA SER A 91 2.23 -17.17 -10.61
C SER A 91 3.56 -16.82 -11.27
N PHE A 92 3.79 -17.32 -12.48
CA PHE A 92 4.97 -16.95 -13.28
C PHE A 92 4.53 -17.01 -14.73
N PRO A 93 4.94 -16.06 -15.57
CA PRO A 93 5.78 -14.88 -15.33
C PRO A 93 5.17 -13.97 -14.28
N THR A 94 6.01 -13.39 -13.42
CA THR A 94 5.53 -12.50 -12.37
C THR A 94 5.05 -11.18 -12.97
N VAL A 95 4.32 -10.42 -12.15
CA VAL A 95 3.92 -9.08 -12.59
C VAL A 95 5.15 -8.25 -12.85
N SER A 96 6.17 -8.38 -11.98
CA SER A 96 7.37 -7.59 -12.13
C SER A 96 8.06 -7.91 -13.45
N CYS A 97 8.15 -9.20 -13.80
CA CYS A 97 8.69 -9.57 -15.12
C CYS A 97 7.85 -9.00 -16.25
N MET A 98 6.53 -9.07 -16.13
CA MET A 98 5.67 -8.59 -17.21
C MET A 98 5.85 -7.08 -17.41
N ILE A 99 5.93 -6.30 -16.35
CA ILE A 99 6.00 -4.86 -16.60
C ILE A 99 7.42 -4.48 -16.97
N GLN A 100 8.41 -5.25 -16.51
CA GLN A 100 9.78 -5.04 -16.96
C GLN A 100 9.84 -5.08 -18.46
N GLU A 101 9.06 -5.98 -19.06
CA GLU A 101 8.96 -6.06 -20.51
C GLU A 101 8.14 -4.89 -21.08
N GLN A 102 6.93 -4.66 -20.55
CA GLN A 102 6.05 -3.65 -21.12
C GLN A 102 6.62 -2.24 -20.95
N LEU A 103 7.45 -2.04 -19.94
CA LEU A 103 8.07 -0.75 -19.72
C LEU A 103 9.36 -0.57 -20.51
N GLY A 104 9.91 -1.64 -21.08
CA GLY A 104 11.23 -1.53 -21.68
C GLY A 104 12.37 -1.35 -20.68
N ALA A 105 12.23 -1.87 -19.46
CA ALA A 105 13.31 -1.82 -18.45
C ALA A 105 14.18 -3.07 -18.59
N LYS A 106 14.91 -3.21 -19.71
CA LYS A 106 15.65 -4.46 -20.03
C LYS A 106 16.83 -4.77 -19.10
N LYS A 107 17.43 -3.79 -18.45
CA LYS A 107 18.62 -4.01 -17.58
C LYS A 107 18.19 -4.34 -16.14
N ALA A 108 16.94 -4.10 -15.78
CA ALA A 108 16.44 -4.28 -14.43
C ALA A 108 16.28 -5.76 -14.13
N CYS A 109 16.55 -6.16 -12.88
CA CYS A 109 16.04 -7.42 -12.37
C CYS A 109 14.60 -7.24 -11.90
N ALA A 110 13.92 -8.34 -11.59
CA ALA A 110 12.49 -8.30 -11.30
C ALA A 110 12.09 -9.47 -10.40
N MET A 111 11.50 -9.15 -9.26
CA MET A 111 10.78 -10.16 -8.50
C MET A 111 9.47 -9.60 -7.94
N ASP A 112 8.52 -10.51 -7.70
CA ASP A 112 7.33 -10.22 -6.91
C ASP A 112 7.60 -10.65 -5.49
N ILE A 113 7.08 -9.88 -4.55
CA ILE A 113 7.21 -10.19 -3.13
C ILE A 113 5.81 -10.29 -2.56
N SER A 114 5.66 -11.12 -1.52
CA SER A 114 4.37 -11.46 -0.94
C SER A 114 4.40 -11.17 0.56
N ALA A 115 3.69 -10.12 0.97
CA ALA A 115 3.50 -9.82 2.38
C ALA A 115 2.14 -9.18 2.59
N ALA A 116 1.15 -9.60 1.80
CA ALA A 116 -0.24 -9.14 1.84
C ALA A 116 -0.25 -7.61 1.90
N CYS A 117 -1.02 -7.02 2.82
CA CYS A 117 -1.23 -5.55 2.86
C CYS A 117 0.01 -4.79 3.30
N ALA A 118 1.04 -5.47 3.82
CA ALA A 118 2.30 -4.81 4.16
C ALA A 118 3.31 -4.83 3.02
N GLY A 119 2.93 -5.37 1.87
CA GLY A 119 3.89 -5.63 0.81
C GLY A 119 4.62 -4.39 0.31
N PHE A 120 3.93 -3.26 0.24
CA PHE A 120 4.59 -2.08 -0.30
C PHE A 120 5.70 -1.65 0.62
N MET A 121 5.48 -1.81 1.93
CA MET A 121 6.48 -1.42 2.95
C MET A 121 7.69 -2.33 2.82
N TYR A 122 7.49 -3.64 2.72
CA TYR A 122 8.60 -4.57 2.48
C TYR A 122 9.39 -4.18 1.23
N GLY A 123 8.67 -3.84 0.14
CA GLY A 123 9.35 -3.51 -1.11
C GLY A 123 10.20 -2.24 -1.01
N VAL A 124 9.64 -1.19 -0.43
CA VAL A 124 10.38 0.05 -0.30
C VAL A 124 11.62 -0.16 0.55
N VAL A 125 11.47 -0.90 1.64
CA VAL A 125 12.62 -1.14 2.51
C VAL A 125 13.65 -2.00 1.78
N THR A 126 13.18 -2.98 1.01
CA THR A 126 14.13 -3.80 0.24
C THR A 126 14.89 -2.90 -0.74
N GLY A 127 14.17 -2.00 -1.41
CA GLY A 127 14.80 -1.13 -2.39
C GLY A 127 15.84 -0.25 -1.74
N LYS A 128 15.53 0.27 -0.56
CA LYS A 128 16.46 1.07 0.23
C LYS A 128 17.78 0.35 0.41
N GLN A 129 17.73 -0.94 0.79
CA GLN A 129 18.96 -1.66 1.07
C GLN A 129 19.82 -1.77 -0.19
N PHE A 130 19.19 -2.05 -1.33
CA PHE A 130 19.93 -2.17 -2.58
C PHE A 130 20.53 -0.84 -3.00
N ILE A 131 19.87 0.28 -2.73
CA ILE A 131 20.42 1.58 -3.09
C ILE A 131 21.52 2.03 -2.11
N GLU A 132 21.24 1.95 -0.81
CA GLU A 132 22.22 2.45 0.16
C GLU A 132 23.46 1.58 0.23
N SER A 133 23.42 0.39 -0.38
CA SER A 133 24.62 -0.43 -0.54
C SER A 133 25.50 0.09 -1.68
N GLY A 134 24.98 0.96 -2.53
CA GLY A 134 25.66 1.32 -3.75
C GLY A 134 25.44 0.34 -4.88
N THR A 135 24.70 -0.73 -4.64
CA THR A 135 24.45 -1.73 -5.66
C THR A 135 23.66 -1.15 -6.82
N TYR A 136 22.52 -0.54 -6.53
CA TYR A 136 21.57 -0.07 -7.53
C TYR A 136 21.30 1.40 -7.30
N LYS A 137 20.79 2.07 -8.32
CA LYS A 137 20.47 3.47 -8.23
C LYS A 137 18.97 3.73 -8.26
N HIS A 138 18.25 3.10 -9.19
CA HIS A 138 16.80 3.28 -9.31
C HIS A 138 16.09 1.95 -9.09
N VAL A 139 15.15 1.93 -8.13
CA VAL A 139 14.32 0.76 -7.85
C VAL A 139 12.86 1.18 -8.00
N LEU A 140 12.14 0.53 -8.90
CA LEU A 140 10.70 0.68 -9.02
C LEU A 140 10.00 -0.29 -8.07
N VAL A 141 9.10 0.23 -7.24
CA VAL A 141 8.36 -0.56 -6.26
C VAL A 141 6.89 -0.32 -6.51
N VAL A 142 6.15 -1.38 -6.80
CA VAL A 142 4.73 -1.31 -7.10
C VAL A 142 3.97 -2.16 -6.08
N GLY A 143 2.92 -1.57 -5.50
CA GLY A 143 1.91 -2.32 -4.79
C GLY A 143 0.70 -2.39 -5.68
N VAL A 144 0.28 -3.60 -6.01
CA VAL A 144 -0.85 -3.82 -6.91
C VAL A 144 -1.68 -5.02 -6.45
N GLU A 145 -3.01 -4.87 -6.51
CA GLU A 145 -3.85 -5.97 -6.07
C GLU A 145 -5.15 -5.89 -6.83
N LYS A 146 -5.57 -7.02 -7.41
CA LYS A 146 -6.93 -7.23 -7.88
C LYS A 146 -7.64 -8.13 -6.87
N LEU A 147 -7.95 -7.51 -5.73
CA LEU A 147 -8.63 -8.24 -4.68
C LEU A 147 -9.97 -8.77 -5.14
N SER A 148 -10.61 -8.11 -6.11
CA SER A 148 -11.89 -8.60 -6.63
C SER A 148 -11.79 -10.02 -7.19
N SER A 149 -10.60 -10.43 -7.60
CA SER A 149 -10.40 -11.76 -8.16
C SER A 149 -10.23 -12.84 -7.09
N ILE A 150 -10.16 -12.48 -5.82
CA ILE A 150 -10.07 -13.45 -4.74
C ILE A 150 -11.08 -13.11 -3.65
N THR A 151 -12.17 -12.47 -4.04
CA THR A 151 -13.26 -12.14 -3.13
C THR A 151 -14.44 -13.06 -3.41
N ASP A 152 -14.97 -13.70 -2.37
CA ASP A 152 -16.24 -14.41 -2.44
C ASP A 152 -17.33 -13.34 -2.40
N TRP A 153 -17.86 -12.98 -3.57
CA TRP A 153 -18.80 -11.88 -3.67
C TRP A 153 -20.17 -12.22 -3.11
N GLU A 154 -20.35 -13.41 -2.54
CA GLU A 154 -21.55 -13.73 -1.79
C GLU A 154 -21.31 -13.70 -0.29
N ASP A 155 -20.10 -13.38 0.15
CA ASP A 155 -19.76 -13.30 1.56
C ASP A 155 -19.71 -11.82 1.96
N ARG A 156 -20.74 -11.39 2.70
CA ARG A 156 -20.80 -9.99 3.12
C ARG A 156 -19.63 -9.63 4.04
N ASN A 157 -19.09 -10.59 4.77
CA ASN A 157 -18.10 -10.24 5.77
C ASN A 157 -16.83 -9.71 5.14
N THR A 158 -16.54 -10.10 3.90
CA THR A 158 -15.37 -9.61 3.19
C THR A 158 -15.71 -8.81 1.95
N ALA A 159 -16.84 -9.11 1.29
CA ALA A 159 -17.10 -8.48 0.01
C ALA A 159 -17.34 -6.98 0.11
N VAL A 160 -17.52 -6.45 1.32
CA VAL A 160 -17.77 -5.01 1.43
C VAL A 160 -16.47 -4.31 1.80
N LEU A 161 -15.39 -5.06 1.87
CA LEU A 161 -14.14 -4.49 2.35
C LEU A 161 -13.10 -4.16 1.28
N PHE A 162 -13.08 -4.89 0.18
CA PHE A 162 -11.93 -4.93 -0.72
C PHE A 162 -12.22 -4.17 -2.00
N GLY A 163 -11.16 -3.55 -2.55
CA GLY A 163 -11.19 -2.98 -3.87
C GLY A 163 -9.88 -3.23 -4.59
N ASP A 164 -9.81 -2.75 -5.83
CA ASP A 164 -8.66 -2.94 -6.70
C ASP A 164 -7.92 -1.63 -6.92
N GLY A 165 -6.66 -1.73 -7.29
CA GLY A 165 -5.87 -0.57 -7.64
C GLY A 165 -4.39 -0.89 -7.63
N ALA A 166 -3.59 0.11 -8.03
CA ALA A 166 -2.15 -0.02 -7.99
C ALA A 166 -1.51 1.33 -7.68
N GLY A 167 -0.42 1.27 -6.91
CA GLY A 167 0.41 2.43 -6.64
C GLY A 167 1.87 2.08 -6.79
N ALA A 168 2.67 3.08 -7.13
CA ALA A 168 4.07 2.81 -7.44
C ALA A 168 4.94 3.99 -7.01
N ALA A 169 6.17 3.69 -6.62
CA ALA A 169 7.17 4.71 -6.31
C ALA A 169 8.51 4.31 -6.93
N VAL A 170 9.21 5.32 -7.43
CA VAL A 170 10.60 5.18 -7.82
C VAL A 170 11.46 5.58 -6.63
N VAL A 171 12.33 4.67 -6.19
CA VAL A 171 13.23 4.88 -5.06
C VAL A 171 14.64 5.04 -5.60
N GLY A 172 15.35 6.01 -5.03
CA GLY A 172 16.71 6.32 -5.46
C GLY A 172 17.37 7.30 -4.52
N PRO A 173 18.66 7.58 -4.74
CA PRO A 173 19.40 8.44 -3.82
C PRO A 173 18.84 9.85 -3.85
N VAL A 174 18.77 10.47 -2.69
CA VAL A 174 18.22 11.82 -2.53
C VAL A 174 19.24 12.60 -1.72
N SER A 175 19.09 13.92 -1.66
CA SER A 175 20.11 14.80 -1.05
C SER A 175 19.92 15.15 0.41
N ASP A 176 21.01 15.47 1.10
CA ASP A 176 21.00 16.05 2.47
C ASP A 176 20.18 15.28 3.50
N ASP A 177 19.24 15.93 4.19
CA ASP A 177 18.41 15.35 5.27
C ASP A 177 17.33 14.44 4.68
N ARG A 178 17.03 14.58 3.38
CA ARG A 178 15.96 13.82 2.73
C ARG A 178 16.07 12.30 2.88
N GLY A 179 14.97 11.60 2.56
CA GLY A 179 15.02 10.15 2.38
C GLY A 179 14.48 9.34 3.53
N ILE A 180 14.45 8.04 3.38
CA ILE A 180 13.93 7.12 4.38
C ILE A 180 14.83 7.17 5.60
N LEU A 181 14.29 7.63 6.73
CA LEU A 181 15.08 7.82 7.94
C LEU A 181 15.14 6.55 8.75
N SER A 182 14.07 5.76 8.78
CA SER A 182 14.04 4.55 9.58
C SER A 182 12.88 3.71 9.08
N PHE A 183 12.83 2.47 9.54
CA PHE A 183 11.79 1.55 9.11
C PHE A 183 11.68 0.45 10.14
N GLU A 184 10.63 -0.35 9.97
CA GLU A 184 10.37 -1.54 10.76
C GLU A 184 9.65 -2.52 9.85
N LEU A 185 10.12 -3.75 9.81
CA LEU A 185 9.40 -4.86 9.20
C LEU A 185 9.13 -5.90 10.27
N GLY A 186 7.93 -6.47 10.28
CA GLY A 186 7.62 -7.51 11.24
C GLY A 186 6.62 -8.50 10.69
N ALA A 187 6.45 -9.58 11.45
CA ALA A 187 5.50 -10.64 11.09
C ALA A 187 5.17 -11.47 12.32
N ASP A 188 4.06 -12.17 12.25
CA ASP A 188 3.67 -13.10 13.31
C ASP A 188 2.81 -14.20 12.68
N GLY A 189 3.47 -15.29 12.29
CA GLY A 189 2.77 -16.41 11.66
C GLY A 189 1.70 -17.02 12.54
N THR A 190 1.74 -16.78 13.85
CA THR A 190 0.66 -17.22 14.72
C THR A 190 -0.70 -16.80 14.17
N GLY A 191 -0.77 -15.60 13.62
CA GLY A 191 -2.01 -15.08 13.11
C GLY A 191 -2.40 -15.57 11.73
N GLY A 192 -1.66 -16.53 11.17
CA GLY A 192 -1.99 -17.02 9.85
C GLY A 192 -3.39 -17.62 9.78
N GLN A 193 -3.86 -18.22 10.86
CA GLN A 193 -5.18 -18.82 10.87
C GLN A 193 -6.28 -17.78 10.68
N HIS A 194 -6.00 -16.51 10.98
CA HIS A 194 -7.04 -15.48 11.03
C HIS A 194 -7.29 -14.78 9.70
N LEU A 195 -6.48 -15.06 8.68
CA LEU A 195 -6.63 -14.38 7.38
C LEU A 195 -5.86 -15.20 6.36
N TYR A 196 -6.58 -15.90 5.48
CA TYR A 196 -5.97 -16.83 4.54
C TYR A 196 -6.81 -16.98 3.29
N LEU A 197 -6.15 -17.37 2.21
CA LEU A 197 -6.80 -17.69 0.95
C LEU A 197 -7.12 -19.19 0.96
N ASN A 198 -8.38 -19.53 0.71
CA ASN A 198 -8.80 -20.91 0.83
C ASN A 198 -8.70 -21.60 -0.53
N GLU A 199 -9.20 -22.83 -0.61
CA GLU A 199 -9.04 -23.66 -1.79
C GLU A 199 -9.83 -23.15 -2.98
N LYS A 200 -10.82 -22.28 -2.75
CA LYS A 200 -11.58 -21.66 -3.82
C LYS A 200 -10.96 -20.35 -4.30
N ARG A 201 -9.75 -20.01 -3.83
CA ARG A 201 -9.20 -18.68 -4.05
C ARG A 201 -10.16 -17.62 -3.50
N HIS A 202 -10.70 -17.90 -2.31
CA HIS A 202 -11.59 -16.98 -1.59
C HIS A 202 -10.91 -16.57 -0.30
N THR A 203 -10.92 -15.28 0.01
CA THR A 203 -10.32 -14.79 1.25
C THR A 203 -11.24 -15.06 2.42
N ILE A 204 -10.70 -15.71 3.46
CA ILE A 204 -11.41 -16.00 4.70
C ILE A 204 -10.73 -15.21 5.81
N MET A 205 -11.54 -14.52 6.62
CA MET A 205 -11.00 -13.64 7.63
C MET A 205 -11.79 -13.78 8.93
N ASN A 206 -11.06 -13.79 10.04
CA ASN A 206 -11.62 -13.61 11.37
C ASN A 206 -11.53 -12.12 11.69
N GLY A 207 -12.53 -11.36 11.24
CA GLY A 207 -12.43 -9.90 11.28
C GLY A 207 -12.05 -9.37 12.63
N ARG A 208 -12.71 -9.84 13.68
CA ARG A 208 -12.48 -9.31 15.04
C ARG A 208 -11.05 -9.56 15.46
N GLU A 209 -10.46 -10.71 15.13
CA GLU A 209 -9.11 -11.02 15.57
C GLU A 209 -8.08 -10.15 14.84
N VAL A 210 -8.23 -9.99 13.53
CA VAL A 210 -7.34 -9.11 12.79
C VAL A 210 -7.45 -7.68 13.31
N PHE A 211 -8.68 -7.24 13.61
CA PHE A 211 -8.89 -5.90 14.16
C PHE A 211 -8.09 -5.70 15.44
N LYS A 212 -8.24 -6.64 16.39
CA LYS A 212 -7.58 -6.50 17.68
C LYS A 212 -6.07 -6.38 17.51
N PHE A 213 -5.50 -7.21 16.64
CA PHE A 213 -4.03 -7.21 16.41
C PHE A 213 -3.61 -5.93 15.72
N ALA A 214 -4.32 -5.51 14.68
CA ALA A 214 -3.92 -4.33 13.92
C ALA A 214 -4.02 -3.06 14.77
N VAL A 215 -5.01 -2.96 15.65
CA VAL A 215 -5.25 -1.70 16.42
C VAL A 215 -4.15 -1.49 17.46
N ARG A 216 -3.40 -2.54 17.78
CA ARG A 216 -2.28 -2.44 18.71
C ARG A 216 -0.96 -2.25 17.98
N GLN A 217 -0.78 -3.01 16.90
CA GLN A 217 0.52 -3.10 16.19
C GLN A 217 0.75 -1.87 15.33
N MET A 218 -0.29 -1.23 14.78
CA MET A 218 -0.09 -0.13 13.86
C MET A 218 0.44 1.10 14.59
N GLY A 219 -0.15 1.44 15.72
CA GLY A 219 0.39 2.53 16.53
C GLY A 219 1.80 2.27 17.06
N GLU A 220 2.06 1.04 17.51
CA GLU A 220 3.39 0.73 18.03
C GLU A 220 4.46 0.81 16.94
N SER A 221 4.17 0.27 15.75
CA SER A 221 5.13 0.36 14.65
C SER A 221 5.40 1.81 14.30
N CYS A 222 4.40 2.68 14.42
CA CYS A 222 4.58 4.09 14.13
C CYS A 222 5.54 4.75 15.12
N VAL A 223 5.31 4.53 16.41
CA VAL A 223 6.18 5.09 17.43
C VAL A 223 7.58 4.55 17.28
N ASN A 224 7.70 3.27 16.88
CA ASN A 224 9.01 2.67 16.74
C ASN A 224 9.84 3.34 15.66
N VAL A 225 9.23 3.69 14.52
CA VAL A 225 10.02 4.32 13.47
C VAL A 225 10.31 5.77 13.82
N ILE A 226 9.36 6.49 14.41
CA ILE A 226 9.66 7.84 14.89
C ILE A 226 10.88 7.80 15.81
N GLU A 227 10.87 6.86 16.76
CA GLU A 227 11.96 6.74 17.72
C GLU A 227 13.27 6.47 17.01
N LYS A 228 13.30 5.43 16.14
CA LYS A 228 14.53 5.06 15.48
C LYS A 228 15.05 6.17 14.60
N ALA A 229 14.17 7.01 14.08
CA ALA A 229 14.60 8.18 13.31
C ALA A 229 15.11 9.31 14.20
N GLY A 230 15.07 9.14 15.53
CA GLY A 230 15.52 10.17 16.44
C GLY A 230 14.59 11.36 16.52
N LEU A 231 13.29 11.14 16.32
CA LEU A 231 12.31 12.21 16.31
C LEU A 231 11.26 12.03 17.41
N SER A 232 10.39 13.02 17.52
CA SER A 232 9.29 13.01 18.48
C SER A 232 7.97 13.02 17.72
N LYS A 233 6.90 12.72 18.43
CA LYS A 233 5.57 12.75 17.81
C LYS A 233 5.32 14.12 17.19
N GLU A 234 5.79 15.17 17.85
CA GLU A 234 5.59 16.53 17.39
C GLU A 234 6.25 16.79 16.05
N ASP A 235 7.23 15.97 15.67
CA ASP A 235 7.97 16.14 14.42
C ASP A 235 7.27 15.55 13.21
N VAL A 236 6.23 14.75 13.40
CA VAL A 236 5.57 14.10 12.28
C VAL A 236 4.65 15.10 11.59
N ASP A 237 4.84 15.24 10.29
CA ASP A 237 4.00 16.13 9.51
C ASP A 237 2.80 15.41 8.88
N PHE A 238 2.90 14.13 8.60
CA PHE A 238 1.78 13.45 8.00
C PHE A 238 1.90 11.95 8.27
N LEU A 239 0.74 11.31 8.38
CA LEU A 239 0.64 9.88 8.63
C LEU A 239 -0.15 9.28 7.48
N ILE A 240 0.42 8.26 6.84
CA ILE A 240 -0.25 7.53 5.76
C ILE A 240 -0.41 6.10 6.22
N PRO A 241 -1.50 5.73 6.88
CA PRO A 241 -1.70 4.34 7.29
C PRO A 241 -2.33 3.52 6.18
N HIS A 242 -2.22 2.19 6.32
CA HIS A 242 -2.98 1.28 5.48
C HIS A 242 -4.47 1.59 5.65
N GLN A 243 -5.19 1.55 4.53
CA GLN A 243 -6.54 2.10 4.47
C GLN A 243 -7.50 0.92 4.45
N ALA A 244 -7.70 0.34 5.60
CA ALA A 244 -8.57 -0.81 5.74
C ALA A 244 -9.76 -0.55 6.64
N ASN A 245 -9.59 0.25 7.69
CA ASN A 245 -10.68 0.53 8.62
C ASN A 245 -10.40 1.86 9.31
N ILE A 246 -11.34 2.80 9.21
CA ILE A 246 -11.15 4.12 9.82
C ILE A 246 -10.94 3.99 11.33
N ARG A 247 -11.53 2.97 11.95
CA ARG A 247 -11.31 2.79 13.38
C ARG A 247 -9.88 2.35 13.69
N ILE A 248 -9.27 1.55 12.82
CA ILE A 248 -7.87 1.18 13.05
C ILE A 248 -6.95 2.36 12.78
N MET A 249 -7.19 3.06 11.67
CA MET A 249 -6.42 4.27 11.39
C MET A 249 -6.51 5.26 12.54
N GLU A 250 -7.70 5.42 13.13
CA GLU A 250 -7.89 6.41 14.18
C GLU A 250 -7.06 6.07 15.42
N ALA A 251 -6.96 4.78 15.74
CA ALA A 251 -6.13 4.39 16.88
C ALA A 251 -4.67 4.80 16.66
N ALA A 252 -4.14 4.55 15.48
CA ALA A 252 -2.80 5.04 15.13
C ALA A 252 -2.70 6.56 15.27
N ARG A 253 -3.64 7.30 14.68
CA ARG A 253 -3.62 8.75 14.83
C ARG A 253 -3.56 9.15 16.30
N GLU A 254 -4.36 8.53 17.15
CA GLU A 254 -4.44 8.87 18.59
C GLU A 254 -3.09 8.56 19.26
N ARG A 255 -2.48 7.46 18.90
CA ARG A 255 -1.18 7.08 19.48
C ARG A 255 -0.15 8.15 19.14
N LEU A 256 -0.22 8.77 17.95
CA LEU A 256 0.78 9.79 17.51
C LEU A 256 0.31 11.21 17.83
N GLU A 257 -0.85 11.38 18.49
CA GLU A 257 -1.32 12.70 18.89
C GLU A 257 -1.33 13.67 17.71
N LEU A 258 -1.72 13.17 16.54
CA LEU A 258 -1.75 13.98 15.34
C LEU A 258 -3.16 14.49 15.08
N PRO A 259 -3.30 15.65 14.46
CA PRO A 259 -4.63 16.13 14.05
C PRO A 259 -5.17 15.33 12.88
N VAL A 260 -6.50 15.38 12.76
CA VAL A 260 -7.21 14.70 11.69
C VAL A 260 -6.60 15.06 10.34
N GLU A 261 -6.33 16.35 10.13
CA GLU A 261 -5.89 16.84 8.84
C GLU A 261 -4.50 16.32 8.47
N LYS A 262 -3.79 15.69 9.40
CA LYS A 262 -2.45 15.19 9.12
C LYS A 262 -2.41 13.69 8.92
N MET A 263 -3.56 13.06 8.75
CA MET A 263 -3.65 11.64 8.43
C MET A 263 -4.39 11.46 7.12
N SER A 264 -3.78 10.74 6.19
CA SER A 264 -4.45 10.45 4.94
C SER A 264 -5.65 9.54 5.18
N LYS A 265 -6.79 9.88 4.59
CA LYS A 265 -7.95 9.00 4.62
C LYS A 265 -8.53 8.90 3.21
N THR A 266 -8.38 7.73 2.60
CA THR A 266 -9.00 7.45 1.33
C THR A 266 -9.78 6.15 1.39
N VAL A 267 -9.84 5.49 2.57
CA VAL A 267 -10.59 4.25 2.73
C VAL A 267 -12.04 4.43 2.36
N HIS A 268 -12.60 5.62 2.57
CA HIS A 268 -14.00 5.82 2.24
C HIS A 268 -14.25 5.73 0.73
N LYS A 269 -13.23 5.93 -0.10
CA LYS A 269 -13.44 5.98 -1.54
C LYS A 269 -12.83 4.79 -2.28
N TYR A 270 -11.80 4.17 -1.74
CA TYR A 270 -11.19 3.03 -2.39
C TYR A 270 -11.29 1.73 -1.60
N GLY A 271 -11.76 1.77 -0.36
CA GLY A 271 -11.78 0.58 0.44
C GLY A 271 -10.35 0.10 0.65
N ASN A 272 -10.24 -1.17 1.05
CA ASN A 272 -8.95 -1.81 1.33
C ASN A 272 -8.42 -2.38 0.01
N THR A 273 -7.34 -1.78 -0.50
CA THR A 273 -6.64 -2.27 -1.69
C THR A 273 -5.29 -2.90 -1.35
N SER A 274 -5.13 -3.39 -0.13
CA SER A 274 -3.97 -4.18 0.28
C SER A 274 -2.68 -3.44 -0.09
N ALA A 275 -1.73 -4.06 -0.77
CA ALA A 275 -0.42 -3.46 -0.97
C ALA A 275 -0.49 -2.16 -1.73
N ALA A 276 -1.57 -1.92 -2.47
CA ALA A 276 -1.74 -0.67 -3.22
C ALA A 276 -2.23 0.48 -2.35
N SER A 277 -2.66 0.22 -1.11
CA SER A 277 -3.41 1.22 -0.38
C SER A 277 -2.55 2.42 -0.01
N ILE A 278 -1.36 2.19 0.55
CA ILE A 278 -0.54 3.31 0.97
C ILE A 278 -0.13 4.19 -0.19
N PRO A 279 0.43 3.68 -1.29
CA PRO A 279 0.85 4.58 -2.38
C PRO A 279 -0.30 5.26 -3.05
N ILE A 280 -1.45 4.61 -3.14
CA ILE A 280 -2.64 5.29 -3.63
C ILE A 280 -2.96 6.50 -2.77
N SER A 281 -2.94 6.34 -1.45
CA SER A 281 -3.21 7.47 -0.55
C SER A 281 -2.14 8.54 -0.65
N LEU A 282 -0.89 8.10 -0.79
CA LEU A 282 0.23 9.03 -0.97
C LEU A 282 0.05 9.93 -2.20
N VAL A 283 -0.36 9.35 -3.33
CA VAL A 283 -0.64 10.17 -4.51
C VAL A 283 -1.76 11.14 -4.23
N GLU A 284 -2.79 10.70 -3.52
CA GLU A 284 -3.96 11.54 -3.26
C GLU A 284 -3.55 12.81 -2.52
N GLU A 285 -2.69 12.66 -1.49
CA GLU A 285 -2.29 13.82 -0.69
C GLU A 285 -1.30 14.70 -1.45
N LEU A 286 -0.45 14.08 -2.25
CA LEU A 286 0.46 14.87 -3.07
C LEU A 286 -0.34 15.70 -4.06
N GLU A 287 -1.31 15.10 -4.74
CA GLU A 287 -2.14 15.83 -5.68
C GLU A 287 -2.94 16.93 -5.00
N ALA A 288 -3.33 16.72 -3.74
CA ALA A 288 -4.02 17.75 -2.98
C ALA A 288 -3.07 18.81 -2.42
N GLY A 289 -1.77 18.65 -2.60
CA GLY A 289 -0.79 19.57 -2.07
C GLY A 289 -0.54 19.48 -0.59
N LYS A 290 -0.96 18.40 0.06
CA LYS A 290 -0.89 18.30 1.51
C LYS A 290 0.44 17.78 2.00
N ILE A 291 1.31 17.30 1.12
CA ILE A 291 2.63 16.78 1.48
C ILE A 291 3.66 17.60 0.74
N LYS A 292 4.67 18.10 1.44
CA LYS A 292 5.66 19.00 0.89
C LYS A 292 7.07 18.46 1.11
N ASP A 293 8.01 18.95 0.29
CA ASP A 293 9.42 18.67 0.55
C ASP A 293 9.76 19.13 1.96
N GLY A 294 10.54 18.32 2.68
CA GLY A 294 10.82 18.56 4.07
C GLY A 294 9.88 17.89 5.07
N ASP A 295 8.67 17.50 4.65
CA ASP A 295 7.74 16.87 5.57
C ASP A 295 8.27 15.52 6.06
N VAL A 296 8.12 15.27 7.35
CA VAL A 296 8.35 13.93 7.90
C VAL A 296 7.04 13.16 7.76
N VAL A 297 7.07 12.11 6.95
CA VAL A 297 5.89 11.29 6.66
C VAL A 297 6.10 9.91 7.26
N VAL A 298 5.13 9.45 8.05
CA VAL A 298 5.14 8.10 8.57
C VAL A 298 4.13 7.27 7.79
N MET A 299 4.60 6.16 7.21
CA MET A 299 3.74 5.18 6.56
C MET A 299 3.71 3.89 7.38
N VAL A 300 2.55 3.25 7.48
CA VAL A 300 2.42 2.06 8.32
C VAL A 300 1.36 1.16 7.68
N GLY A 301 1.69 -0.12 7.57
CA GLY A 301 0.83 -1.05 6.90
C GLY A 301 0.70 -2.33 7.69
N PHE A 302 -0.38 -3.08 7.52
CA PHE A 302 -0.61 -4.35 8.24
C PHE A 302 -1.38 -5.30 7.33
N GLY A 303 -0.98 -6.57 7.24
CA GLY A 303 -1.53 -7.52 6.28
C GLY A 303 -1.59 -8.97 6.73
N GLY A 304 -2.18 -9.77 5.86
CA GLY A 304 -2.33 -11.19 6.11
C GLY A 304 -1.00 -11.90 6.22
N GLY A 305 -1.09 -13.15 6.67
CA GLY A 305 0.00 -13.81 7.31
C GLY A 305 0.30 -13.23 8.65
N LEU A 306 -0.36 -12.13 8.99
CA LEU A 306 0.11 -11.16 9.96
C LEU A 306 1.54 -10.80 9.60
N THR A 307 1.64 -9.80 8.74
CA THR A 307 2.85 -9.05 8.43
C THR A 307 2.58 -7.60 8.78
N TRP A 308 3.64 -6.83 9.00
CA TRP A 308 3.46 -5.39 9.15
C TRP A 308 4.76 -4.70 8.82
N GLY A 309 4.65 -3.39 8.59
CA GLY A 309 5.82 -2.58 8.32
C GLY A 309 5.50 -1.11 8.43
N ALA A 310 6.55 -0.32 8.62
CA ALA A 310 6.43 1.12 8.81
C ALA A 310 7.71 1.77 8.35
N ILE A 311 7.55 3.00 7.86
CA ILE A 311 8.69 3.79 7.40
C ILE A 311 8.48 5.23 7.83
N ALA A 312 9.54 5.85 8.31
CA ALA A 312 9.62 7.30 8.45
C ALA A 312 10.48 7.84 7.32
N ILE A 313 9.95 8.79 6.55
CA ILE A 313 10.65 9.36 5.42
C ILE A 313 10.56 10.89 5.48
N ARG A 314 11.63 11.56 5.11
CA ARG A 314 11.59 13.01 5.00
C ARG A 314 11.41 13.29 3.51
N TRP A 315 10.25 13.85 3.15
CA TRP A 315 9.90 14.00 1.75
C TRP A 315 10.88 14.95 1.07
N GLY A 316 11.13 14.71 -0.21
CA GLY A 316 11.99 15.55 -1.02
C GLY A 316 13.18 14.79 -1.61
N ARG A 317 13.88 15.48 -2.53
CA ARG A 317 15.09 14.92 -3.16
C ARG A 317 16.32 15.77 -2.88
N1A COA B . -23.07 -6.19 6.93
C2A COA B . -23.76 -6.26 8.07
N3A COA B . -23.47 -6.88 9.21
C4A COA B . -22.27 -7.49 9.11
C5A COA B . -21.44 -7.51 8.01
C6A COA B . -21.86 -6.81 6.87
N6A COA B . -21.17 -6.74 5.73
N7A COA B . -20.30 -8.25 8.29
C8A COA B . -20.46 -8.64 9.53
N9A COA B . -21.65 -8.23 10.08
C1B COA B . -22.19 -8.44 11.41
C2B COA B . -21.64 -9.62 12.19
O2B COA B . -22.28 -10.85 11.90
C3B COA B . -21.99 -9.18 13.61
O3B COA B . -23.39 -9.39 13.80
P3B COA B . -23.75 -10.16 15.17
O7A COA B . -23.12 -11.52 15.12
O8A COA B . -23.20 -9.32 16.30
O9A COA B . -25.26 -10.22 15.17
C4B COA B . -21.69 -7.68 13.56
O4B COA B . -21.86 -7.31 12.18
C5B COA B . -20.31 -7.29 14.01
O5B COA B . -19.36 -8.29 13.58
P1A COA B . -17.79 -8.08 13.85
O1A COA B . -17.55 -7.94 15.31
O2A COA B . -17.02 -9.13 13.11
O3A COA B . -17.55 -6.68 13.13
P2A COA B . -16.17 -5.88 13.19
O4A COA B . -16.35 -4.80 14.18
O5A COA B . -15.12 -6.91 13.39
O6A COA B . -16.01 -5.32 11.70
CBP COA B . -14.37 -5.79 9.97
CCP COA B . -15.66 -6.23 10.63
CDP COA B . -13.90 -6.93 9.06
CEP COA B . -14.71 -4.59 9.07
CAP COA B . -13.25 -5.39 10.92
OAP COA B . -13.09 -6.36 11.94
C9P COA B . -11.90 -5.25 10.24
O9P COA B . -11.75 -4.51 9.28
N8P COA B . -10.91 -5.98 10.73
C7P COA B . -9.51 -5.72 10.45
C6P COA B . -9.10 -6.22 9.09
C5P COA B . -7.89 -5.47 8.55
O5P COA B . -7.09 -4.93 9.31
N4P COA B . -7.75 -5.45 7.23
C3P COA B . -7.01 -6.44 6.48
C2P COA B . -7.92 -7.31 5.67
S1P COA B . -7.16 -7.96 4.16
H2A COA B . -24.59 -5.80 8.06
H61A COA B . -21.59 -6.65 4.97
H62A COA B . -20.30 -6.80 5.76
H8A COA B . -19.83 -9.17 9.99
H1B COA B . -23.17 -8.52 11.34
H2B COA B . -20.66 -9.71 12.08
HO2A COA B . -23.11 -10.75 12.02
H3B COA B . -21.46 -9.64 14.29
H4B COA B . -22.35 -7.20 14.11
H51A COA B . -20.08 -6.41 13.62
H52A COA B . -20.29 -7.20 15.00
H121 COA B . -15.55 -7.14 10.98
H122 COA B . -16.39 -6.25 9.98
H131 COA B . -13.34 -6.58 8.34
H132 COA B . -14.66 -7.38 8.68
H133 COA B . -13.37 -7.56 9.59
H141 COA B . -14.46 -3.77 9.53
H142 COA B . -15.66 -4.58 8.89
H143 COA B . -14.22 -4.66 8.23
H10 COA B . -13.48 -4.53 11.33
HO1 COA B . -12.90 -5.97 12.67
HN8 COA B . -11.10 -6.65 11.26
H71 COA B . -9.35 -4.75 10.49
H72 COA B . -8.95 -6.13 11.13
H61 COA B . -8.88 -7.16 9.15
H62 COA B . -9.83 -6.12 8.46
HN4 COA B . -8.14 -4.80 6.79
H31 COA B . -6.50 -7.00 7.11
H32 COA B . -6.37 -6.00 5.88
H21 COA B . -8.20 -8.07 6.22
H22 COA B . -8.71 -6.80 5.42
HS1 COA B . -7.58 -9.09 4.26
#